data_2QU7
#
_entry.id   2QU7
#
_cell.length_a   93.417
_cell.length_b   116.382
_cell.length_c   68.201
_cell.angle_alpha   90.000
_cell.angle_beta   90.000
_cell.angle_gamma   90.000
#
_symmetry.space_group_name_H-M   'P 21 21 2'
#
loop_
_entity.id
_entity.type
_entity.pdbx_description
1 polymer 'Putative transcriptional regulator'
2 non-polymer 'CHLORIDE ION'
3 water water
#
_entity_poly.entity_id   1
_entity_poly.type   'polypeptide(L)'
_entity_poly.pdbx_seq_one_letter_code
;MSLKTGRSNIIAFIVPDQNPFFTEVLTEISHECQKHHLHVAVASSEENEDKQQDLIETFVSQNVSAIILVPVKSKFQMKR
EWLKIPIMTLDRELESTSLPSITVDNEEAAYIATKRVLESTCKEVGLLLANPNISTTIGRKNGYNKAISEFDLNVNPSLI
HYSDQQLGTNAQIYSGYEATKTLLSKGIKGIVATNHLLLLGALQAIKESEKEIKKDVIIVGFDDSYWNEIYTPKLTVISQ
PVKEMGQVAAKMIYKLIKGKDVTSIKLSTKLIIRESCSFNEGHHHHHH
;
_entity_poly.pdbx_strand_id   A,B
#
loop_
_chem_comp.id
_chem_comp.type
_chem_comp.name
_chem_comp.formula
CL non-polymer 'CHLORIDE ION' 'Cl -1'
#
# COMPACT_ATOMS: atom_id res chain seq x y z
N ARG A 7 26.22 -13.74 9.36
CA ARG A 7 25.40 -12.49 9.35
C ARG A 7 24.99 -12.16 7.90
N SER A 8 23.71 -12.29 7.59
CA SER A 8 23.21 -12.09 6.22
C SER A 8 23.06 -10.61 5.87
N ASN A 9 23.04 -10.30 4.58
CA ASN A 9 22.93 -8.91 4.10
C ASN A 9 21.49 -8.35 4.13
N ILE A 10 20.63 -8.96 4.94
CA ILE A 10 19.23 -8.56 5.06
C ILE A 10 18.98 -7.68 6.29
N ILE A 11 18.22 -6.61 6.08
CA ILE A 11 17.69 -5.77 7.16
C ILE A 11 16.21 -6.09 7.29
N ALA A 12 15.74 -6.39 8.50
CA ALA A 12 14.33 -6.69 8.67
C ALA A 12 13.58 -5.46 9.16
N PHE A 13 12.51 -5.13 8.43
CA PHE A 13 11.64 -4.00 8.75
C PHE A 13 10.30 -4.61 9.18
N ILE A 14 10.01 -4.53 10.46
CA ILE A 14 8.80 -5.17 11.03
C ILE A 14 7.79 -4.06 11.25
N VAL A 15 6.70 -4.15 10.51
CA VAL A 15 5.68 -3.10 10.46
C VAL A 15 4.38 -3.61 11.10
N PRO A 16 3.59 -2.70 11.71
CA PRO A 16 2.42 -3.19 12.45
C PRO A 16 1.17 -3.44 11.58
N ASP A 17 1.05 -2.76 10.45
CA ASP A 17 -0.14 -2.86 9.60
C ASP A 17 0.22 -2.48 8.17
N GLN A 18 -0.78 -2.41 7.28
CA GLN A 18 -0.54 -2.08 5.89
C GLN A 18 -0.91 -0.64 5.51
N ASN A 19 -0.66 0.28 6.45
CA ASN A 19 -0.70 1.71 6.17
C ASN A 19 0.40 2.05 5.13
N PRO A 20 0.01 2.65 3.97
CA PRO A 20 0.97 3.08 2.94
C PRO A 20 2.12 3.91 3.49
N PHE A 21 1.94 4.49 4.66
CA PHE A 21 3.00 5.25 5.29
C PHE A 21 4.28 4.39 5.39
N PHE A 22 4.11 3.11 5.78
CA PHE A 22 5.21 2.22 6.06
C PHE A 22 5.91 1.72 4.78
N THR A 23 5.14 1.33 3.76
CA THR A 23 5.71 0.96 2.46
C THR A 23 6.42 2.14 1.82
N GLU A 24 5.87 3.34 1.95
CA GLU A 24 6.56 4.55 1.46
C GLU A 24 7.92 4.80 2.12
N VAL A 25 7.99 4.60 3.45
CA VAL A 25 9.25 4.73 4.19
C VAL A 25 10.19 3.61 3.78
N LEU A 26 9.64 2.41 3.64
CA LEU A 26 10.41 1.24 3.23
C LEU A 26 11.20 1.50 1.92
N THR A 27 10.50 1.98 0.88
CA THR A 27 11.12 2.29 -0.39
C THR A 27 12.34 3.21 -0.19
N GLU A 28 12.18 4.22 0.66
CA GLU A 28 13.29 5.14 0.95
C GLU A 28 14.45 4.49 1.71
N ILE A 29 14.13 3.64 2.69
CA ILE A 29 15.14 2.90 3.45
C ILE A 29 15.92 1.98 2.51
N SER A 30 15.20 1.24 1.68
CA SER A 30 15.75 0.33 0.68
C SER A 30 16.73 1.02 -0.26
N HIS A 31 16.32 2.16 -0.80
CA HIS A 31 17.14 2.91 -1.74
C HIS A 31 18.51 3.26 -1.14
N GLU A 32 18.52 3.77 0.08
CA GLU A 32 19.78 4.10 0.76
C GLU A 32 20.62 2.86 1.17
N CYS A 33 19.99 1.84 1.76
CA CYS A 33 20.71 0.65 2.29
C CYS A 33 21.40 -0.17 1.22
N GLN A 34 20.79 -0.23 0.04
CA GLN A 34 21.36 -0.99 -1.06
C GLN A 34 22.66 -0.37 -1.61
N LYS A 35 22.95 0.86 -1.23
CA LYS A 35 24.27 1.47 -1.52
C LYS A 35 25.36 0.67 -0.85
N HIS A 36 24.99 -0.03 0.21
CA HIS A 36 25.91 -0.84 0.97
C HIS A 36 25.65 -2.32 0.73
N HIS A 37 24.92 -2.66 -0.33
CA HIS A 37 24.62 -4.06 -0.64
C HIS A 37 23.81 -4.78 0.46
N LEU A 38 23.02 -4.01 1.20
CA LEU A 38 22.12 -4.56 2.22
C LEU A 38 20.69 -4.39 1.75
N HIS A 39 19.90 -5.45 1.91
CA HIS A 39 18.51 -5.46 1.43
C HIS A 39 17.48 -5.53 2.54
N VAL A 40 16.44 -4.72 2.37
CA VAL A 40 15.36 -4.60 3.33
C VAL A 40 14.24 -5.54 2.93
N ALA A 41 13.88 -6.41 3.87
CA ALA A 41 12.73 -7.28 3.77
C ALA A 41 11.72 -6.88 4.87
N VAL A 42 10.43 -6.92 4.54
CA VAL A 42 9.36 -6.43 5.41
C VAL A 42 8.53 -7.60 5.86
N ALA A 43 8.09 -7.55 7.10
CA ALA A 43 7.08 -8.50 7.58
C ALA A 43 6.16 -7.75 8.55
N SER A 44 4.88 -8.07 8.52
CA SER A 44 3.89 -7.34 9.31
C SER A 44 3.42 -8.20 10.47
N SER A 45 3.34 -7.60 11.64
CA SER A 45 2.77 -8.27 12.81
C SER A 45 1.24 -8.14 12.87
N GLU A 46 0.68 -7.31 11.98
CA GLU A 46 -0.74 -6.95 12.01
C GLU A 46 -1.25 -6.65 13.45
N GLU A 47 -0.46 -5.87 14.18
CA GLU A 47 -0.77 -5.41 15.53
C GLU A 47 -0.83 -6.50 16.58
N ASN A 48 -0.40 -7.71 16.23
CA ASN A 48 -0.36 -8.82 17.18
C ASN A 48 1.04 -8.95 17.81
N GLU A 49 1.10 -8.83 19.15
CA GLU A 49 2.39 -8.86 19.85
C GLU A 49 3.05 -10.24 19.87
N ASP A 50 2.26 -11.31 19.82
CA ASP A 50 2.83 -12.64 19.69
C ASP A 50 3.54 -12.76 18.33
N LYS A 51 2.85 -12.29 17.28
CA LYS A 51 3.35 -12.32 15.92
C LYS A 51 4.64 -11.52 15.83
N GLN A 52 4.68 -10.40 16.55
CA GLN A 52 5.83 -9.52 16.51
C GLN A 52 7.03 -10.28 17.05
N GLN A 53 6.81 -10.98 18.18
CA GLN A 53 7.86 -11.69 18.89
C GLN A 53 8.41 -12.86 18.07
N ASP A 54 7.52 -13.62 17.45
CA ASP A 54 7.86 -14.66 16.49
C ASP A 54 8.74 -14.14 15.37
N LEU A 55 8.38 -13.01 14.79
CA LEU A 55 9.12 -12.47 13.66
C LEU A 55 10.51 -12.04 14.13
N ILE A 56 10.58 -11.35 15.27
CA ILE A 56 11.89 -11.00 15.86
C ILE A 56 12.76 -12.25 16.09
N GLU A 57 12.20 -13.25 16.78
CA GLU A 57 12.88 -14.53 17.02
C GLU A 57 13.38 -15.18 15.71
N THR A 58 12.56 -15.06 14.67
CA THR A 58 12.89 -15.63 13.38
C THR A 58 14.07 -14.90 12.73
N PHE A 59 14.07 -13.57 12.81
CA PHE A 59 15.12 -12.81 12.16
C PHE A 59 16.43 -12.88 12.94
N VAL A 60 16.32 -12.98 14.26
CA VAL A 60 17.49 -13.20 15.12
C VAL A 60 18.16 -14.54 14.77
N SER A 61 17.35 -15.58 14.63
CA SER A 61 17.83 -16.93 14.31
C SER A 61 18.49 -16.99 12.95
N GLN A 62 18.04 -16.13 12.05
CA GLN A 62 18.62 -16.12 10.70
C GLN A 62 19.81 -15.17 10.59
N ASN A 63 20.16 -14.52 11.69
CA ASN A 63 21.36 -13.70 11.74
C ASN A 63 21.35 -12.53 10.74
N VAL A 64 20.22 -11.84 10.68
CA VAL A 64 20.05 -10.65 9.87
C VAL A 64 21.05 -9.59 10.35
N SER A 65 21.40 -8.63 9.51
CA SER A 65 22.35 -7.58 9.88
C SER A 65 21.77 -6.63 10.93
N ALA A 66 20.45 -6.44 10.87
CA ALA A 66 19.77 -5.49 11.71
C ALA A 66 18.25 -5.67 11.62
N ILE A 67 17.58 -5.11 12.63
CA ILE A 67 16.12 -5.01 12.69
C ILE A 67 15.68 -3.57 12.93
N ILE A 68 14.77 -3.08 12.08
CA ILE A 68 14.06 -1.82 12.33
C ILE A 68 12.65 -2.23 12.77
N LEU A 69 12.30 -1.94 14.01
CA LEU A 69 11.03 -2.36 14.57
C LEU A 69 10.04 -1.21 14.62
N VAL A 70 8.85 -1.42 14.10
CA VAL A 70 7.72 -0.53 14.46
C VAL A 70 6.87 -1.29 15.52
N PRO A 71 7.12 -1.01 16.82
CA PRO A 71 6.53 -1.85 17.86
C PRO A 71 5.00 -1.76 17.91
N VAL A 72 4.33 -2.89 18.10
CA VAL A 72 2.87 -2.87 18.18
C VAL A 72 2.41 -2.14 19.45
N LYS A 73 3.21 -2.21 20.51
CA LYS A 73 2.94 -1.47 21.75
C LYS A 73 4.21 -0.96 22.46
N SER A 74 4.03 0.07 23.28
CA SER A 74 5.11 0.72 24.03
C SER A 74 5.80 -0.15 25.07
N LYS A 75 5.04 -0.99 25.79
CA LYS A 75 5.61 -1.90 26.79
C LYS A 75 6.24 -3.07 26.07
N PHE A 76 7.54 -2.98 25.82
CA PHE A 76 8.25 -4.04 25.13
C PHE A 76 9.63 -4.12 25.74
N GLN A 77 10.08 -5.34 26.01
CA GLN A 77 11.46 -5.57 26.43
C GLN A 77 12.12 -6.61 25.53
N MET A 78 13.33 -6.29 25.07
CA MET A 78 14.21 -7.22 24.37
C MET A 78 14.53 -8.43 25.21
N LYS A 79 14.51 -9.60 24.61
CA LYS A 79 15.17 -10.76 25.21
C LYS A 79 16.66 -10.49 25.08
N ARG A 80 17.43 -10.88 26.10
CA ARG A 80 18.87 -10.60 26.11
C ARG A 80 19.61 -11.31 24.96
N GLU A 81 19.13 -12.50 24.59
CA GLU A 81 19.59 -13.24 23.39
C GLU A 81 19.51 -12.42 22.11
N TRP A 82 18.51 -11.54 22.03
CA TRP A 82 18.27 -10.70 20.85
C TRP A 82 19.28 -9.58 20.71
N LEU A 83 19.95 -9.26 21.81
CA LEU A 83 20.75 -8.02 21.88
C LEU A 83 21.98 -7.99 20.98
N LYS A 84 22.38 -9.16 20.47
CA LYS A 84 23.49 -9.30 19.50
C LYS A 84 23.17 -8.68 18.14
N ILE A 85 21.88 -8.63 17.77
CA ILE A 85 21.45 -8.06 16.51
C ILE A 85 21.08 -6.59 16.71
N PRO A 86 21.73 -5.69 15.94
CA PRO A 86 21.44 -4.25 16.02
C PRO A 86 19.94 -3.97 15.74
N ILE A 87 19.37 -3.08 16.53
CA ILE A 87 17.95 -2.83 16.50
C ILE A 87 17.64 -1.38 16.86
N MET A 88 16.77 -0.78 16.05
CA MET A 88 16.17 0.53 16.29
C MET A 88 14.63 0.40 16.17
N THR A 89 13.92 1.41 16.66
CA THR A 89 12.48 1.52 16.42
C THR A 89 12.20 2.67 15.48
N LEU A 90 11.13 2.57 14.72
CA LEU A 90 10.78 3.68 13.84
C LEU A 90 9.33 4.05 14.11
N ASP A 91 8.98 5.32 13.94
CA ASP A 91 7.60 5.81 14.14
C ASP A 91 7.21 5.87 15.62
N ARG A 92 7.43 4.77 16.34
CA ARG A 92 7.09 4.65 17.76
C ARG A 92 8.31 4.52 18.69
N GLU A 93 8.12 5.06 19.91
CA GLU A 93 9.10 5.00 20.99
C GLU A 93 8.61 3.98 22.02
N LEU A 94 9.55 3.27 22.64
CA LEU A 94 9.26 2.32 23.70
C LEU A 94 9.28 3.00 25.06
N GLU A 95 8.67 2.35 26.05
CA GLU A 95 8.57 2.91 27.39
C GLU A 95 9.95 3.07 28.06
N SER A 96 10.63 1.95 28.26
CA SER A 96 11.94 1.96 28.91
C SER A 96 12.88 1.09 28.11
N THR A 97 13.82 1.72 27.40
CA THR A 97 14.83 1.00 26.63
C THR A 97 15.96 1.92 26.23
N SER A 98 17.04 1.28 25.78
CA SER A 98 18.19 1.96 25.21
C SER A 98 18.12 2.05 23.68
N LEU A 99 17.06 1.51 23.09
CA LEU A 99 16.92 1.46 21.63
C LEU A 99 16.76 2.85 21.03
N PRO A 100 17.61 3.22 20.07
CA PRO A 100 17.38 4.53 19.41
C PRO A 100 16.11 4.47 18.55
N SER A 101 15.48 5.63 18.36
CA SER A 101 14.25 5.73 17.58
C SER A 101 14.37 6.85 16.60
N ILE A 102 13.60 6.76 15.52
CA ILE A 102 13.34 7.92 14.71
C ILE A 102 11.83 8.12 14.68
N THR A 103 11.39 9.33 14.99
CA THR A 103 9.97 9.67 15.17
C THR A 103 9.73 11.08 14.59
N VAL A 104 8.46 11.52 14.56
CA VAL A 104 8.08 12.93 14.33
C VAL A 104 7.57 13.55 15.64
N ASP A 105 7.33 14.87 15.64
CA ASP A 105 6.68 15.55 16.77
C ASP A 105 5.16 15.39 16.63
N ASN A 106 4.63 14.34 17.26
CA ASN A 106 3.22 13.95 17.17
C ASN A 106 2.25 14.93 17.82
N GLU A 107 2.70 15.53 18.93
CA GLU A 107 1.92 16.57 19.59
C GLU A 107 1.73 17.75 18.65
N GLU A 108 2.83 18.31 18.13
CA GLU A 108 2.75 19.38 17.15
C GLU A 108 1.91 18.99 15.91
N ALA A 109 2.00 17.74 15.46
CA ALA A 109 1.21 17.30 14.31
C ALA A 109 -0.30 17.41 14.58
N ALA A 110 -0.79 16.81 15.66
CA ALA A 110 -2.21 16.87 15.98
C ALA A 110 -2.69 18.25 16.47
N TYR A 111 -1.80 18.99 17.11
CA TYR A 111 -2.05 20.39 17.48
C TYR A 111 -2.40 21.28 16.29
N ILE A 112 -1.55 21.25 15.26
CA ILE A 112 -1.71 21.99 14.01
C ILE A 112 -2.99 21.58 13.27
N ALA A 113 -3.26 20.29 13.22
CA ALA A 113 -4.45 19.77 12.54
C ALA A 113 -5.72 20.18 13.26
N THR A 114 -5.71 20.16 14.58
CA THR A 114 -6.94 20.42 15.35
C THR A 114 -7.24 21.91 15.28
N LYS A 115 -6.19 22.70 15.44
CA LYS A 115 -6.24 24.16 15.27
C LYS A 115 -6.84 24.55 13.95
N ARG A 116 -6.41 23.89 12.87
CA ARG A 116 -6.95 24.14 11.54
C ARG A 116 -8.47 23.97 11.49
N VAL A 117 -8.98 22.87 12.05
CA VAL A 117 -10.41 22.65 12.20
C VAL A 117 -11.13 23.71 13.07
N LEU A 118 -10.49 24.10 14.17
CA LEU A 118 -11.00 25.13 15.08
C LEU A 118 -11.04 26.52 14.46
N GLU A 119 -10.22 26.74 13.42
CA GLU A 119 -10.29 28.00 12.66
C GLU A 119 -11.61 28.22 11.93
N SER A 120 -12.34 27.15 11.67
CA SER A 120 -13.70 27.27 11.11
C SER A 120 -14.69 27.71 12.21
N THR A 121 -16.00 27.79 11.89
CA THR A 121 -17.00 28.06 12.94
C THR A 121 -16.97 26.97 14.04
N CYS A 122 -16.87 25.71 13.59
CA CYS A 122 -16.85 24.51 14.45
C CYS A 122 -16.12 24.65 15.78
N LYS A 123 -16.79 24.20 16.85
CA LYS A 123 -16.30 24.33 18.22
C LYS A 123 -16.35 22.99 18.96
N GLU A 124 -16.85 21.96 18.29
CA GLU A 124 -16.78 20.59 18.80
C GLU A 124 -16.12 19.67 17.78
N VAL A 125 -14.96 19.14 18.13
CA VAL A 125 -14.13 18.40 17.18
C VAL A 125 -14.00 16.93 17.57
N GLY A 126 -14.45 16.03 16.69
CA GLY A 126 -14.19 14.60 16.84
C GLY A 126 -12.73 14.24 16.58
N LEU A 127 -12.23 13.24 17.29
CA LEU A 127 -10.86 12.77 17.10
C LEU A 127 -10.87 11.28 16.95
N LEU A 128 -10.28 10.79 15.86
CA LEU A 128 -10.11 9.37 15.68
C LEU A 128 -8.70 9.01 16.00
N LEU A 129 -8.54 8.11 16.98
CA LEU A 129 -7.21 7.69 17.40
C LEU A 129 -7.00 6.20 17.27
N ALA A 130 -5.73 5.80 17.22
CA ALA A 130 -5.39 4.41 17.22
C ALA A 130 -5.31 3.92 18.68
N ASN A 131 -4.72 2.75 18.89
CA ASN A 131 -4.66 2.18 20.21
C ASN A 131 -3.83 3.03 21.16
N PRO A 132 -4.37 3.34 22.36
CA PRO A 132 -3.64 4.21 23.32
C PRO A 132 -2.34 3.60 23.86
N ASN A 133 -2.15 2.30 23.70
CA ASN A 133 -0.87 1.68 24.07
C ASN A 133 0.28 1.95 23.05
N ILE A 134 0.04 2.85 22.08
CA ILE A 134 1.05 3.32 21.10
C ILE A 134 1.46 4.78 21.38
N SER A 135 2.76 5.05 21.39
CA SER A 135 3.28 6.40 21.66
C SER A 135 2.78 7.48 20.70
N THR A 136 2.57 7.15 19.43
CA THR A 136 2.05 8.16 18.49
C THR A 136 0.62 8.57 18.83
N THR A 137 -0.18 7.61 19.31
CA THR A 137 -1.53 7.92 19.79
C THR A 137 -1.53 8.90 20.94
N ILE A 138 -0.76 8.62 21.98
CA ILE A 138 -0.64 9.52 23.13
C ILE A 138 -0.17 10.91 22.71
N GLY A 139 0.87 10.97 21.89
CA GLY A 139 1.35 12.24 21.37
C GLY A 139 0.27 13.00 20.61
N ARG A 140 -0.49 12.31 19.78
CA ARG A 140 -1.51 12.99 18.97
C ARG A 140 -2.68 13.47 19.81
N LYS A 141 -3.12 12.64 20.76
CA LYS A 141 -4.11 13.08 21.75
C LYS A 141 -3.66 14.33 22.52
N ASN A 142 -2.39 14.38 22.96
CA ASN A 142 -1.88 15.57 23.67
C ASN A 142 -1.98 16.83 22.83
N GLY A 143 -1.67 16.72 21.54
CA GLY A 143 -1.78 17.86 20.62
C GLY A 143 -3.20 18.36 20.43
N TYR A 144 -4.14 17.44 20.36
CA TYR A 144 -5.57 17.79 20.24
C TYR A 144 -6.03 18.55 21.49
N ASN A 145 -5.72 18.00 22.67
CA ASN A 145 -6.01 18.66 23.94
C ASN A 145 -5.51 20.10 23.99
N LYS A 146 -4.27 20.27 23.54
CA LYS A 146 -3.59 21.56 23.51
C LYS A 146 -4.33 22.60 22.68
N ALA A 147 -4.76 22.19 21.49
CA ALA A 147 -5.46 23.10 20.60
C ALA A 147 -6.82 23.45 21.19
N ILE A 148 -7.54 22.45 21.70
CA ILE A 148 -8.84 22.65 22.30
C ILE A 148 -8.71 23.69 23.44
N SER A 149 -7.75 23.46 24.33
CA SER A 149 -7.49 24.36 25.45
C SER A 149 -7.14 25.78 25.01
N GLU A 150 -6.32 25.91 23.99
CA GLU A 150 -5.90 27.21 23.49
C GLU A 150 -7.07 28.03 22.90
N PHE A 151 -8.13 27.34 22.45
CA PHE A 151 -9.33 28.00 21.95
C PHE A 151 -10.34 28.16 23.08
N ASP A 152 -9.87 27.91 24.30
CA ASP A 152 -10.69 28.07 25.52
C ASP A 152 -11.97 27.20 25.50
N LEU A 153 -11.80 25.96 25.05
CA LEU A 153 -12.85 24.96 25.09
C LEU A 153 -12.39 23.88 26.05
N ASN A 154 -13.33 23.11 26.59
CA ASN A 154 -12.90 21.99 27.43
C ASN A 154 -12.87 20.69 26.67
N VAL A 155 -11.94 19.83 27.07
CA VAL A 155 -11.79 18.52 26.47
C VAL A 155 -12.97 17.66 26.84
N ASN A 156 -13.61 17.11 25.81
CA ASN A 156 -14.78 16.28 25.99
C ASN A 156 -14.47 14.88 25.52
N PRO A 157 -14.21 13.96 26.48
CA PRO A 157 -13.80 12.57 26.24
C PRO A 157 -14.70 11.80 25.32
N SER A 158 -15.97 12.22 25.22
CA SER A 158 -16.95 11.50 24.40
C SER A 158 -16.68 11.76 22.93
N LEU A 159 -15.91 12.80 22.63
CA LEU A 159 -15.60 13.14 21.24
C LEU A 159 -14.38 12.38 20.69
N ILE A 160 -13.81 11.48 21.50
CA ILE A 160 -12.55 10.84 21.18
C ILE A 160 -12.75 9.34 21.08
N HIS A 161 -12.35 8.77 19.94
CA HIS A 161 -12.52 7.36 19.68
C HIS A 161 -11.15 6.70 19.50
N TYR A 162 -11.07 5.43 19.86
CA TYR A 162 -9.85 4.69 19.76
C TYR A 162 -10.04 3.39 19.01
N SER A 163 -9.06 3.07 18.17
CA SER A 163 -8.95 1.74 17.57
C SER A 163 -8.25 0.75 18.53
N ASP A 164 -8.98 0.27 19.53
CA ASP A 164 -8.39 -0.64 20.53
C ASP A 164 -9.24 -1.87 20.83
N GLN A 165 -10.17 -2.17 19.94
CA GLN A 165 -11.10 -3.29 20.13
C GLN A 165 -10.68 -4.53 19.35
N GLN A 166 -10.11 -4.31 18.16
CA GLN A 166 -9.64 -5.38 17.29
C GLN A 166 -8.24 -5.02 16.79
N LEU A 167 -7.58 -6.01 16.17
CA LEU A 167 -6.19 -5.85 15.72
C LEU A 167 -6.05 -5.76 14.20
N GLY A 168 -5.16 -4.88 13.74
CA GLY A 168 -4.76 -4.84 12.34
C GLY A 168 -5.31 -3.73 11.48
N THR A 169 -5.19 -3.93 10.16
CA THR A 169 -5.53 -2.94 9.16
C THR A 169 -7.03 -2.67 9.05
N ASN A 170 -7.81 -3.74 8.90
CA ASN A 170 -9.25 -3.62 8.71
C ASN A 170 -9.92 -3.14 9.97
N ALA A 171 -9.35 -3.56 11.11
CA ALA A 171 -9.79 -3.13 12.42
C ALA A 171 -9.73 -1.62 12.57
N GLN A 172 -8.65 -1.00 12.08
CA GLN A 172 -8.49 0.46 12.15
C GLN A 172 -9.39 1.21 11.18
N ILE A 173 -9.60 0.64 9.99
CA ILE A 173 -10.53 1.24 9.03
C ILE A 173 -11.92 1.25 9.63
N TYR A 174 -12.29 0.13 10.22
CA TYR A 174 -13.63 -0.10 10.74
C TYR A 174 -13.89 0.77 11.96
N SER A 175 -12.88 0.86 12.83
CA SER A 175 -12.93 1.76 13.98
C SER A 175 -13.20 3.18 13.50
N GLY A 176 -12.44 3.64 12.50
CA GLY A 176 -12.65 4.96 11.91
C GLY A 176 -14.05 5.14 11.33
N TYR A 177 -14.59 4.09 10.72
CA TYR A 177 -15.96 4.10 10.19
C TYR A 177 -17.04 4.19 11.30
N GLU A 178 -17.00 3.26 12.26
CA GLU A 178 -17.98 3.25 13.37
C GLU A 178 -17.96 4.51 14.22
N ALA A 179 -16.77 5.08 14.43
CA ALA A 179 -16.63 6.35 15.17
C ALA A 179 -17.20 7.52 14.42
N THR A 180 -16.87 7.64 13.15
CA THR A 180 -17.38 8.78 12.38
C THR A 180 -18.90 8.77 12.28
N LYS A 181 -19.46 7.60 11.98
CA LYS A 181 -20.89 7.34 11.97
C LYS A 181 -21.53 7.80 13.28
N THR A 182 -20.92 7.42 14.40
CA THR A 182 -21.39 7.89 15.70
C THR A 182 -21.28 9.42 15.82
N LEU A 183 -20.11 9.98 15.49
CA LEU A 183 -19.91 11.43 15.56
C LEU A 183 -20.87 12.22 14.67
N LEU A 184 -21.06 11.75 13.43
CA LEU A 184 -22.02 12.38 12.51
C LEU A 184 -23.47 12.27 13.03
N SER A 185 -23.83 11.10 13.60
CA SER A 185 -25.15 10.92 14.24
C SER A 185 -25.47 11.96 15.32
N LYS A 186 -24.43 12.62 15.84
CA LYS A 186 -24.58 13.60 16.91
C LYS A 186 -24.44 15.03 16.43
N GLY A 187 -24.31 15.20 15.12
CA GLY A 187 -24.20 16.53 14.53
C GLY A 187 -22.84 17.21 14.62
N ILE A 188 -21.78 16.43 14.89
CA ILE A 188 -20.40 16.96 14.95
C ILE A 188 -19.95 17.38 13.54
N LYS A 189 -19.40 18.59 13.43
CA LYS A 189 -19.10 19.17 12.12
C LYS A 189 -17.60 19.24 11.77
N GLY A 190 -16.75 18.76 12.66
CA GLY A 190 -15.31 18.88 12.49
C GLY A 190 -14.64 17.62 12.97
N ILE A 191 -13.75 17.06 12.14
CA ILE A 191 -13.12 15.76 12.46
C ILE A 191 -11.62 15.75 12.15
N VAL A 192 -10.83 15.26 13.11
CA VAL A 192 -9.44 14.93 12.86
C VAL A 192 -9.24 13.41 12.96
N ALA A 193 -8.80 12.83 11.85
CA ALA A 193 -8.48 11.42 11.74
C ALA A 193 -6.96 11.27 11.75
N THR A 194 -6.40 10.59 12.75
CA THR A 194 -4.95 10.70 13.01
C THR A 194 -4.07 9.66 12.33
N ASN A 195 -4.65 8.90 11.40
CA ASN A 195 -3.86 8.09 10.45
C ASN A 195 -4.69 7.76 9.22
N HIS A 196 -4.03 7.29 8.17
CA HIS A 196 -4.62 7.05 6.87
C HIS A 196 -5.76 6.03 6.90
N LEU A 197 -5.59 5.01 7.72
CA LEU A 197 -6.61 3.97 7.87
C LEU A 197 -7.87 4.49 8.56
N LEU A 198 -7.72 5.27 9.63
CA LEU A 198 -8.88 5.89 10.30
C LEU A 198 -9.56 6.87 9.37
N LEU A 199 -8.76 7.61 8.59
CA LEU A 199 -9.25 8.55 7.58
C LEU A 199 -10.15 7.86 6.55
N LEU A 200 -9.63 6.79 5.96
CA LEU A 200 -10.40 5.96 5.03
C LEU A 200 -11.72 5.49 5.64
N GLY A 201 -11.68 4.95 6.86
CA GLY A 201 -12.91 4.61 7.58
C GLY A 201 -13.86 5.78 7.75
N ALA A 202 -13.30 6.96 8.06
CA ALA A 202 -14.13 8.16 8.24
C ALA A 202 -14.84 8.55 6.94
N LEU A 203 -14.07 8.51 5.85
CA LEU A 203 -14.59 8.88 4.54
C LEU A 203 -15.68 7.92 4.08
N GLN A 204 -15.52 6.62 4.34
CA GLN A 204 -16.61 5.65 4.17
C GLN A 204 -17.86 6.06 4.95
N ALA A 205 -17.73 6.36 6.23
CA ALA A 205 -18.88 6.71 7.06
C ALA A 205 -19.59 7.95 6.50
N ILE A 206 -18.80 8.94 6.11
CA ILE A 206 -19.31 10.20 5.56
C ILE A 206 -20.06 9.94 4.26
N LYS A 207 -19.48 9.13 3.37
CA LYS A 207 -20.15 8.80 2.12
C LYS A 207 -21.49 8.09 2.33
N GLU A 208 -21.53 7.08 3.21
CA GLU A 208 -22.76 6.39 3.57
C GLU A 208 -23.85 7.34 4.08
N SER A 209 -23.47 8.30 4.93
CA SER A 209 -24.41 9.28 5.44
C SER A 209 -24.84 10.18 4.29
N GLU A 210 -25.87 11.00 4.51
CA GLU A 210 -26.28 11.97 3.49
C GLU A 210 -25.21 13.07 3.33
N LYS A 211 -24.36 13.21 4.34
CA LYS A 211 -23.62 14.45 4.62
C LYS A 211 -22.48 14.76 3.66
N GLU A 212 -22.31 16.04 3.34
CA GLU A 212 -21.31 16.48 2.36
C GLU A 212 -20.19 17.28 3.00
N ILE A 213 -18.96 16.88 2.67
CA ILE A 213 -17.76 17.56 3.16
C ILE A 213 -17.74 18.99 2.63
N LYS A 214 -17.42 19.93 3.52
CA LYS A 214 -17.40 21.37 3.21
C LYS A 214 -18.77 22.01 3.45
N LYS A 215 -19.78 21.19 3.67
CA LYS A 215 -21.15 21.68 3.86
C LYS A 215 -21.62 21.31 5.26
N ASP A 216 -21.72 20.00 5.49
CA ASP A 216 -22.19 19.41 6.74
C ASP A 216 -21.06 19.06 7.71
N VAL A 217 -19.86 18.85 7.15
CA VAL A 217 -18.70 18.44 7.95
C VAL A 217 -17.40 18.84 7.24
N ILE A 218 -16.37 19.09 8.03
CA ILE A 218 -15.02 19.23 7.54
C ILE A 218 -14.09 18.19 8.18
N ILE A 219 -12.97 17.90 7.52
CA ILE A 219 -12.07 16.83 7.98
C ILE A 219 -10.60 17.15 7.68
N VAL A 220 -9.73 16.84 8.65
CA VAL A 220 -8.28 16.83 8.47
C VAL A 220 -7.74 15.42 8.78
N GLY A 221 -6.94 14.87 7.87
CA GLY A 221 -6.47 13.51 8.05
C GLY A 221 -5.00 13.51 8.35
N PHE A 222 -4.43 12.32 8.50
CA PHE A 222 -3.01 12.16 8.61
C PHE A 222 -2.54 11.27 7.48
N ASP A 223 -1.34 11.53 6.99
CA ASP A 223 -0.59 10.61 6.11
C ASP A 223 -0.84 10.97 4.65
N ASP A 224 0.25 11.24 3.95
CA ASP A 224 0.26 11.40 2.51
C ASP A 224 -0.22 10.13 1.81
N SER A 225 -0.98 10.36 0.74
CA SER A 225 -1.48 9.33 -0.15
C SER A 225 -1.84 9.95 -1.48
N TYR A 226 -1.73 9.14 -2.53
CA TYR A 226 -2.07 9.68 -3.84
CA TYR A 226 -2.11 9.49 -3.91
C TYR A 226 -3.58 9.89 -3.96
N TRP A 227 -4.37 9.15 -3.19
CA TRP A 227 -5.81 9.39 -3.07
C TRP A 227 -6.14 10.84 -2.69
N ASN A 228 -5.26 11.51 -1.93
CA ASN A 228 -5.55 12.81 -1.31
C ASN A 228 -5.78 13.96 -2.27
N GLU A 229 -4.97 14.01 -3.34
CA GLU A 229 -5.01 15.11 -4.32
C GLU A 229 -6.18 14.95 -5.30
N ILE A 230 -6.68 13.72 -5.43
CA ILE A 230 -7.68 13.37 -6.44
C ILE A 230 -9.07 13.09 -5.86
N TYR A 231 -9.15 12.91 -4.55
CA TYR A 231 -10.43 12.69 -3.90
C TYR A 231 -11.35 13.89 -4.12
N THR A 232 -12.67 13.70 -4.00
CA THR A 232 -13.55 14.86 -4.01
C THR A 232 -14.26 15.06 -2.67
N PRO A 233 -13.98 16.16 -1.97
CA PRO A 233 -13.04 17.24 -2.21
C PRO A 233 -11.62 16.78 -1.92
N LYS A 234 -10.62 17.55 -2.35
CA LYS A 234 -9.24 17.21 -2.06
C LYS A 234 -8.94 17.28 -0.57
N LEU A 235 -8.23 16.26 -0.07
CA LEU A 235 -8.06 16.05 1.37
C LEU A 235 -6.90 16.79 2.00
N THR A 236 -7.22 17.68 2.94
CA THR A 236 -6.22 18.28 3.84
C THR A 236 -5.65 17.22 4.79
N VAL A 237 -4.33 17.15 4.92
CA VAL A 237 -3.70 16.16 5.80
C VAL A 237 -2.44 16.69 6.45
N ILE A 238 -2.06 16.06 7.55
CA ILE A 238 -0.73 16.21 8.09
C ILE A 238 0.17 15.30 7.26
N SER A 239 1.21 15.89 6.69
CA SER A 239 2.18 15.16 5.89
C SER A 239 3.35 14.78 6.78
N GLN A 240 3.78 13.52 6.71
CA GLN A 240 4.96 13.06 7.40
C GLN A 240 6.14 13.00 6.45
N PRO A 241 7.36 13.31 6.96
CA PRO A 241 8.52 13.41 6.07
C PRO A 241 9.13 12.06 5.79
N VAL A 242 8.48 11.29 4.92
CA VAL A 242 8.83 9.89 4.66
C VAL A 242 10.20 9.73 4.01
N LYS A 243 10.55 10.65 3.09
CA LYS A 243 11.88 10.69 2.43
C LYS A 243 13.04 10.89 3.43
N GLU A 244 13.00 12.00 4.17
CA GLU A 244 13.96 12.23 5.22
C GLU A 244 13.96 11.06 6.22
N MET A 245 12.78 10.66 6.69
CA MET A 245 12.70 9.58 7.66
C MET A 245 13.42 8.31 7.18
N GLY A 246 13.11 7.88 5.97
CA GLY A 246 13.70 6.67 5.40
C GLY A 246 15.20 6.79 5.20
N GLN A 247 15.65 7.90 4.64
CA GLN A 247 17.07 8.14 4.45
C GLN A 247 17.84 8.19 5.80
N VAL A 248 17.38 9.04 6.73
CA VAL A 248 17.99 9.13 8.06
C VAL A 248 17.97 7.80 8.82
N ALA A 249 16.88 7.02 8.71
CA ALA A 249 16.84 5.69 9.37
C ALA A 249 17.83 4.71 8.77
N ALA A 250 17.94 4.73 7.43
CA ALA A 250 18.96 3.95 6.75
C ALA A 250 20.37 4.33 7.22
N LYS A 251 20.63 5.60 7.46
CA LYS A 251 21.93 6.04 7.94
C LYS A 251 22.22 5.57 9.37
N MET A 252 21.24 5.81 10.26
CA MET A 252 21.24 5.29 11.62
C MET A 252 21.51 3.79 11.66
N ILE A 253 20.74 3.00 10.91
CA ILE A 253 20.88 1.55 11.02
C ILE A 253 22.25 1.04 10.53
N TYR A 254 22.84 1.79 9.59
CA TYR A 254 24.13 1.43 9.02
C TYR A 254 25.25 1.69 10.03
N LYS A 255 25.13 2.83 10.72
CA LYS A 255 26.02 3.19 11.80
C LYS A 255 25.98 2.15 12.90
N LEU A 256 24.77 1.68 13.22
CA LEU A 256 24.58 0.61 14.19
C LEU A 256 25.23 -0.68 13.75
N ILE A 257 24.94 -1.11 12.52
CA ILE A 257 25.60 -2.28 11.94
C ILE A 257 27.11 -2.18 12.08
N LYS A 258 27.64 -0.95 11.94
CA LYS A 258 29.09 -0.70 12.10
C LYS A 258 29.56 -0.52 13.55
N GLY A 259 28.63 -0.52 14.49
CA GLY A 259 28.98 -0.47 15.89
C GLY A 259 29.37 0.92 16.36
N LYS A 260 28.85 1.92 15.66
CA LYS A 260 29.05 3.32 16.01
C LYS A 260 27.86 3.81 16.83
N ASP A 261 28.06 4.89 17.58
CA ASP A 261 27.00 5.42 18.46
C ASP A 261 25.99 6.18 17.62
N VAL A 262 24.72 5.91 17.88
CA VAL A 262 23.64 6.60 17.19
C VAL A 262 22.75 7.30 18.20
N THR A 263 22.38 8.54 17.93
CA THR A 263 21.38 9.21 18.75
C THR A 263 19.99 9.29 18.07
N SER A 264 18.93 9.25 18.89
CA SER A 264 17.53 9.35 18.45
C SER A 264 17.21 10.64 17.71
N ILE A 265 16.37 10.52 16.70
CA ILE A 265 16.02 11.67 15.85
C ILE A 265 14.51 11.90 15.89
N LYS A 266 14.14 13.18 15.96
CA LYS A 266 12.74 13.56 15.88
C LYS A 266 12.59 14.56 14.75
N LEU A 267 11.66 14.29 13.83
CA LEU A 267 11.43 15.17 12.66
C LEU A 267 10.11 15.93 12.79
N SER A 268 9.90 16.87 11.88
CA SER A 268 8.69 17.68 11.88
C SER A 268 7.73 17.27 10.75
N THR A 269 6.44 17.27 11.02
CA THR A 269 5.42 17.03 9.99
C THR A 269 5.01 18.38 9.36
N LYS A 270 4.17 18.34 8.35
CA LYS A 270 3.65 19.60 7.83
C LYS A 270 2.22 19.47 7.37
N LEU A 271 1.42 20.51 7.58
CA LEU A 271 0.03 20.48 7.22
C LEU A 271 -0.05 20.89 5.77
N ILE A 272 -0.67 20.04 4.95
CA ILE A 272 -0.99 20.41 3.56
C ILE A 272 -2.46 20.78 3.44
N ILE A 273 -2.74 22.07 3.34
CA ILE A 273 -4.11 22.55 3.22
C ILE A 273 -4.60 22.35 1.80
N ARG A 274 -5.65 21.54 1.66
CA ARG A 274 -6.37 21.42 0.40
C ARG A 274 -7.80 21.93 0.54
N GLU A 275 -8.78 21.06 0.27
CA GLU A 275 -10.18 21.45 0.22
C GLU A 275 -11.06 20.96 1.39
N SER A 276 -10.73 19.82 2.00
CA SER A 276 -11.66 19.18 2.93
C SER A 276 -11.82 19.89 4.30
N CYS A 277 -10.97 20.87 4.58
CA CYS A 277 -10.83 21.44 5.94
C CYS A 277 -11.50 22.79 6.11
N SER A 278 -12.28 23.22 5.11
CA SER A 278 -13.01 24.47 5.24
C SER A 278 -14.41 24.38 4.64
N PHE A 279 -15.34 25.11 5.23
CA PHE A 279 -16.72 25.19 4.77
C PHE A 279 -16.86 26.10 3.56
N ASN A 280 -17.78 25.78 2.65
CA ASN A 280 -18.04 26.70 1.54
C ASN A 280 -19.25 27.58 1.77
N ARG B 7 16.48 -25.60 7.63
CA ARG B 7 15.88 -24.49 6.84
C ARG B 7 15.37 -23.37 7.74
N SER B 8 15.47 -22.15 7.24
CA SER B 8 14.84 -20.98 7.87
C SER B 8 13.34 -21.11 7.69
N ASN B 9 12.55 -20.67 8.66
CA ASN B 9 11.08 -20.74 8.53
C ASN B 9 10.46 -19.52 7.80
N ILE B 10 11.25 -18.91 6.93
CA ILE B 10 10.83 -17.76 6.18
C ILE B 10 10.47 -18.19 4.79
N ILE B 11 9.34 -17.70 4.29
CA ILE B 11 9.05 -17.75 2.85
C ILE B 11 9.27 -16.35 2.30
N ALA B 12 10.15 -16.22 1.33
CA ALA B 12 10.48 -14.93 0.74
C ALA B 12 9.59 -14.68 -0.46
N PHE B 13 8.88 -13.54 -0.43
CA PHE B 13 7.93 -13.14 -1.45
C PHE B 13 8.62 -11.96 -2.11
N ILE B 14 9.09 -12.16 -3.35
CA ILE B 14 9.85 -11.13 -4.09
C ILE B 14 8.93 -10.41 -5.07
N VAL B 15 8.59 -9.17 -4.75
CA VAL B 15 7.62 -8.42 -5.54
C VAL B 15 8.36 -7.43 -6.45
N PRO B 16 7.68 -6.94 -7.51
CA PRO B 16 8.30 -5.99 -8.43
C PRO B 16 8.04 -4.52 -8.08
N ASP B 17 6.99 -4.25 -7.31
CA ASP B 17 6.55 -2.87 -7.08
C ASP B 17 5.60 -2.79 -5.85
N GLN B 18 5.03 -1.60 -5.60
CA GLN B 18 4.17 -1.32 -4.42
C GLN B 18 2.66 -1.38 -4.76
N ASN B 19 2.28 -2.13 -5.79
CA ASN B 19 0.85 -2.32 -6.12
C ASN B 19 0.17 -3.04 -4.93
N PRO B 20 -0.88 -2.42 -4.35
CA PRO B 20 -1.50 -2.92 -3.12
C PRO B 20 -1.95 -4.36 -3.34
N PHE B 21 -2.18 -4.67 -4.61
CA PHE B 21 -2.51 -6.00 -5.05
C PHE B 21 -1.57 -7.04 -4.42
N PHE B 22 -0.26 -6.83 -4.52
CA PHE B 22 0.73 -7.76 -3.97
C PHE B 22 0.67 -7.87 -2.45
N THR B 23 0.49 -6.73 -1.77
CA THR B 23 0.37 -6.70 -0.30
C THR B 23 -0.91 -7.37 0.19
N GLU B 24 -1.98 -7.28 -0.59
CA GLU B 24 -3.23 -7.94 -0.22
C GLU B 24 -3.15 -9.45 -0.40
N VAL B 25 -2.47 -9.88 -1.46
CA VAL B 25 -2.17 -11.29 -1.64
C VAL B 25 -1.22 -11.78 -0.52
N LEU B 26 -0.21 -10.97 -0.20
CA LEU B 26 0.71 -11.27 0.87
C LEU B 26 -0.04 -11.62 2.15
N THR B 27 -0.98 -10.76 2.53
CA THR B 27 -1.71 -10.86 3.78
C THR B 27 -2.43 -12.18 3.87
N GLU B 28 -2.99 -12.61 2.74
CA GLU B 28 -3.68 -13.87 2.68
C GLU B 28 -2.73 -15.06 2.77
N ILE B 29 -1.65 -15.03 1.99
CA ILE B 29 -0.60 -16.06 2.06
C ILE B 29 -0.12 -16.18 3.52
N SER B 30 0.16 -15.03 4.12
CA SER B 30 0.68 -14.95 5.47
C SER B 30 -0.24 -15.61 6.50
N HIS B 31 -1.53 -15.25 6.47
CA HIS B 31 -2.53 -15.86 7.37
C HIS B 31 -2.57 -17.38 7.29
N GLU B 32 -2.45 -17.93 6.09
CA GLU B 32 -2.49 -19.37 5.93
C GLU B 32 -1.16 -20.04 6.32
N CYS B 33 -0.04 -19.38 6.05
CA CYS B 33 1.27 -19.95 6.30
C CYS B 33 1.65 -20.03 7.77
N GLN B 34 1.17 -19.08 8.56
CA GLN B 34 1.49 -19.09 9.98
C GLN B 34 0.89 -20.33 10.66
N LYS B 35 -0.08 -20.96 9.99
CA LYS B 35 -0.61 -22.28 10.38
C LYS B 35 0.47 -23.35 10.55
N HIS B 36 1.48 -23.33 9.68
CA HIS B 36 2.58 -24.30 9.74
C HIS B 36 3.82 -23.67 10.28
N HIS B 37 3.66 -22.57 11.00
CA HIS B 37 4.76 -21.80 11.57
C HIS B 37 5.77 -21.33 10.49
N LEU B 38 5.21 -20.85 9.38
CA LEU B 38 6.00 -20.22 8.36
C LEU B 38 5.63 -18.75 8.31
N HIS B 39 6.67 -17.90 8.30
CA HIS B 39 6.48 -16.47 8.16
C HIS B 39 6.80 -16.01 6.75
N VAL B 40 6.09 -15.02 6.25
CA VAL B 40 6.38 -14.48 4.94
C VAL B 40 7.13 -13.18 5.08
N ALA B 41 8.22 -13.03 4.34
CA ALA B 41 8.89 -11.75 4.28
C ALA B 41 8.83 -11.26 2.83
N VAL B 42 8.69 -9.96 2.66
CA VAL B 42 8.57 -9.41 1.32
C VAL B 42 9.72 -8.48 1.04
N ALA B 43 10.25 -8.59 -0.16
CA ALA B 43 11.30 -7.70 -0.64
C ALA B 43 10.93 -7.25 -2.06
N SER B 44 11.02 -5.96 -2.31
CA SER B 44 10.69 -5.45 -3.63
C SER B 44 11.92 -5.24 -4.49
N SER B 45 11.83 -5.67 -5.75
CA SER B 45 12.88 -5.42 -6.74
C SER B 45 12.74 -4.06 -7.42
N GLU B 46 11.57 -3.42 -7.26
CA GLU B 46 11.24 -2.14 -7.96
C GLU B 46 11.53 -2.22 -9.48
N GLU B 47 11.09 -3.32 -10.07
CA GLU B 47 11.24 -3.62 -11.50
C GLU B 47 12.69 -3.60 -11.98
N ASN B 48 13.65 -3.62 -11.04
CA ASN B 48 15.05 -3.73 -11.40
C ASN B 48 15.51 -5.19 -11.35
N GLU B 49 16.14 -5.65 -12.43
CA GLU B 49 16.46 -7.06 -12.57
C GLU B 49 17.71 -7.51 -11.83
N ASP B 50 18.64 -6.57 -11.65
CA ASP B 50 19.84 -6.79 -10.88
C ASP B 50 19.51 -6.94 -9.40
N LYS B 51 18.60 -6.07 -8.94
CA LYS B 51 18.04 -6.18 -7.60
C LYS B 51 17.30 -7.50 -7.41
N GLN B 52 16.56 -7.94 -8.41
CA GLN B 52 15.86 -9.20 -8.31
C GLN B 52 16.88 -10.35 -8.11
N GLN B 53 17.95 -10.33 -8.91
CA GLN B 53 18.98 -11.33 -8.79
C GLN B 53 19.65 -11.29 -7.41
N ASP B 54 19.97 -10.09 -6.91
CA ASP B 54 20.56 -9.97 -5.57
C ASP B 54 19.63 -10.55 -4.49
N LEU B 55 18.32 -10.31 -4.62
CA LEU B 55 17.35 -10.82 -3.65
C LEU B 55 17.25 -12.34 -3.66
N ILE B 56 17.15 -12.94 -4.84
CA ILE B 56 17.11 -14.42 -4.92
C ILE B 56 18.37 -15.04 -4.29
N GLU B 57 19.51 -14.50 -4.68
CA GLU B 57 20.81 -14.97 -4.23
C GLU B 57 20.96 -14.90 -2.71
N THR B 58 20.47 -13.83 -2.10
CA THR B 58 20.47 -13.72 -0.64
C THR B 58 19.53 -14.75 0.01
N PHE B 59 18.34 -14.92 -0.55
CA PHE B 59 17.40 -15.85 0.03
C PHE B 59 17.83 -17.31 -0.11
N VAL B 60 18.43 -17.66 -1.25
CA VAL B 60 19.07 -18.97 -1.44
C VAL B 60 20.15 -19.20 -0.40
N SER B 61 21.01 -18.19 -0.22
CA SER B 61 22.12 -18.27 0.74
C SER B 61 21.61 -18.44 2.18
N GLN B 62 20.51 -17.77 2.48
CA GLN B 62 19.90 -17.87 3.80
C GLN B 62 19.15 -19.19 3.99
N ASN B 63 19.02 -19.99 2.93
CA ASN B 63 18.25 -21.23 3.00
C ASN B 63 16.78 -21.09 3.46
N VAL B 64 16.09 -20.07 2.96
CA VAL B 64 14.66 -19.92 3.26
C VAL B 64 13.92 -21.22 2.90
N SER B 65 12.76 -21.44 3.54
CA SER B 65 11.88 -22.56 3.18
C SER B 65 11.37 -22.54 1.72
N ALA B 66 11.15 -21.36 1.16
CA ALA B 66 10.62 -21.24 -0.21
C ALA B 66 10.71 -19.83 -0.74
N ILE B 67 10.59 -19.68 -2.05
CA ILE B 67 10.54 -18.36 -2.66
C ILE B 67 9.29 -18.24 -3.52
N ILE B 68 8.61 -17.12 -3.43
CA ILE B 68 7.53 -16.82 -4.36
C ILE B 68 7.95 -15.59 -5.13
N LEU B 69 8.24 -15.78 -6.41
CA LEU B 69 8.79 -14.74 -7.25
C LEU B 69 7.72 -14.12 -8.12
N VAL B 70 7.68 -12.80 -8.16
CA VAL B 70 6.94 -12.08 -9.16
C VAL B 70 8.01 -11.46 -10.05
N PRO B 71 8.33 -12.12 -11.17
CA PRO B 71 9.38 -11.80 -12.13
C PRO B 71 9.27 -10.37 -12.66
N VAL B 72 10.37 -9.62 -12.69
CA VAL B 72 10.31 -8.26 -13.25
C VAL B 72 10.14 -8.27 -14.79
N LYS B 73 10.67 -9.31 -15.43
CA LYS B 73 10.40 -9.56 -16.84
C LYS B 73 10.29 -11.04 -17.07
N SER B 74 9.55 -11.40 -18.11
CA SER B 74 9.24 -12.79 -18.38
C SER B 74 10.39 -13.54 -19.06
N LYS B 75 11.34 -12.81 -19.63
CA LYS B 75 12.54 -13.41 -20.19
C LYS B 75 13.65 -13.44 -19.14
N PHE B 76 13.68 -14.52 -18.38
CA PHE B 76 14.55 -14.62 -17.23
C PHE B 76 14.75 -16.08 -16.88
N GLN B 77 16.01 -16.46 -16.68
CA GLN B 77 16.32 -17.85 -16.34
C GLN B 77 16.84 -17.99 -14.90
N MET B 78 16.37 -19.05 -14.24
CA MET B 78 16.80 -19.38 -12.89
C MET B 78 18.13 -20.10 -12.97
N LYS B 79 19.13 -19.53 -12.30
CA LYS B 79 20.42 -20.18 -12.15
C LYS B 79 20.23 -21.53 -11.50
N ARG B 80 20.93 -22.52 -12.06
CA ARG B 80 20.99 -23.89 -11.58
C ARG B 80 21.24 -23.96 -10.06
N GLU B 81 22.14 -23.09 -9.59
CA GLU B 81 22.53 -22.96 -8.18
C GLU B 81 21.38 -22.56 -7.24
N TRP B 82 20.29 -22.03 -7.79
CA TRP B 82 19.17 -21.58 -6.95
C TRP B 82 18.10 -22.65 -6.79
N LEU B 83 18.06 -23.60 -7.73
CA LEU B 83 16.93 -24.50 -7.89
C LEU B 83 16.69 -25.46 -6.73
N LYS B 84 17.64 -25.55 -5.80
CA LYS B 84 17.43 -26.34 -4.59
C LYS B 84 16.34 -25.75 -3.65
N ILE B 85 16.05 -24.47 -3.82
CA ILE B 85 14.98 -23.83 -3.03
C ILE B 85 13.61 -24.02 -3.72
N PRO B 86 12.59 -24.51 -2.99
CA PRO B 86 11.23 -24.49 -3.59
C PRO B 86 10.87 -23.09 -4.06
N ILE B 87 10.47 -22.99 -5.32
CA ILE B 87 10.12 -21.72 -5.90
C ILE B 87 8.89 -21.89 -6.80
N MET B 88 8.02 -20.89 -6.80
CA MET B 88 6.89 -20.80 -7.71
C MET B 88 6.84 -19.35 -8.13
N THR B 89 6.16 -19.04 -9.23
CA THR B 89 5.88 -17.65 -9.55
C THR B 89 4.41 -17.31 -9.31
N LEU B 90 4.13 -16.03 -9.14
CA LEU B 90 2.79 -15.55 -8.89
C LEU B 90 2.56 -14.37 -9.84
N ASP B 91 1.33 -14.24 -10.34
CA ASP B 91 0.90 -13.13 -11.21
C ASP B 91 1.48 -13.26 -12.61
N ARG B 92 2.80 -13.46 -12.70
CA ARG B 92 3.48 -13.52 -13.99
C ARG B 92 4.14 -14.85 -14.18
N GLU B 93 4.22 -15.25 -15.45
CA GLU B 93 4.96 -16.42 -15.88
C GLU B 93 6.30 -16.04 -16.49
N LEU B 94 7.22 -16.98 -16.40
CA LEU B 94 8.52 -16.91 -17.05
C LEU B 94 8.41 -17.56 -18.42
N GLU B 95 9.26 -17.10 -19.34
CA GLU B 95 9.18 -17.48 -20.75
C GLU B 95 9.36 -18.99 -21.00
N SER B 96 10.25 -19.64 -20.26
CA SER B 96 10.44 -21.08 -20.42
C SER B 96 10.89 -21.79 -19.15
N THR B 97 9.93 -22.10 -18.27
CA THR B 97 10.20 -22.99 -17.13
C THR B 97 9.08 -24.00 -16.94
N SER B 98 9.39 -25.02 -16.15
CA SER B 98 8.37 -25.91 -15.64
C SER B 98 8.10 -25.51 -14.19
N LEU B 99 8.40 -24.26 -13.86
CA LEU B 99 8.08 -23.69 -12.54
C LEU B 99 6.61 -23.41 -12.42
N PRO B 100 5.98 -23.92 -11.33
CA PRO B 100 4.54 -23.74 -11.25
C PRO B 100 4.18 -22.28 -10.99
N SER B 101 3.05 -21.83 -11.51
CA SER B 101 2.61 -20.47 -11.28
C SER B 101 1.15 -20.36 -10.84
N ILE B 102 0.83 -19.22 -10.24
CA ILE B 102 -0.55 -18.86 -10.02
C ILE B 102 -0.78 -17.50 -10.67
N THR B 103 -1.79 -17.45 -11.54
CA THR B 103 -2.11 -16.30 -12.37
C THR B 103 -3.62 -16.17 -12.53
N VAL B 104 -4.08 -15.11 -13.18
CA VAL B 104 -5.47 -15.00 -13.59
C VAL B 104 -5.56 -15.09 -15.11
N ASP B 105 -6.79 -15.21 -15.65
CA ASP B 105 -6.98 -15.10 -17.09
C ASP B 105 -6.92 -13.65 -17.52
N ASN B 106 -5.71 -13.20 -17.85
CA ASN B 106 -5.46 -11.80 -18.19
C ASN B 106 -6.18 -11.29 -19.46
N GLU B 107 -6.34 -12.18 -20.43
CA GLU B 107 -7.04 -11.85 -21.67
C GLU B 107 -8.54 -11.62 -21.39
N GLU B 108 -9.20 -12.60 -20.79
CA GLU B 108 -10.58 -12.45 -20.35
C GLU B 108 -10.79 -11.13 -19.59
N ALA B 109 -9.89 -10.84 -18.63
CA ALA B 109 -10.01 -9.65 -17.80
C ALA B 109 -10.05 -8.37 -18.63
N ALA B 110 -9.09 -8.20 -19.55
CA ALA B 110 -9.03 -6.99 -20.34
C ALA B 110 -10.11 -6.99 -21.44
N TYR B 111 -10.47 -8.20 -21.90
CA TYR B 111 -11.61 -8.35 -22.79
C TYR B 111 -12.91 -7.83 -22.11
N ILE B 112 -13.21 -8.32 -20.90
CA ILE B 112 -14.39 -7.84 -20.14
C ILE B 112 -14.35 -6.32 -19.96
N ALA B 113 -13.18 -5.79 -19.58
CA ALA B 113 -13.04 -4.36 -19.29
C ALA B 113 -13.22 -3.52 -20.55
N THR B 114 -12.60 -3.97 -21.64
CA THR B 114 -12.66 -3.19 -22.90
C THR B 114 -14.07 -3.22 -23.50
N LYS B 115 -14.66 -4.42 -23.54
CA LYS B 115 -16.05 -4.61 -23.97
C LYS B 115 -17.02 -3.68 -23.23
N ARG B 116 -16.82 -3.50 -21.91
CA ARG B 116 -17.68 -2.63 -21.12
C ARG B 116 -17.64 -1.17 -21.59
N VAL B 117 -16.45 -0.68 -21.91
CA VAL B 117 -16.28 0.70 -22.40
C VAL B 117 -16.91 0.84 -23.81
N LEU B 118 -16.80 -0.21 -24.60
CA LEU B 118 -17.31 -0.22 -25.96
C LEU B 118 -18.84 -0.20 -25.98
N GLU B 119 -19.44 -0.93 -25.05
CA GLU B 119 -20.89 -0.97 -24.88
C GLU B 119 -21.56 0.35 -24.53
N SER B 120 -20.76 1.38 -24.24
CA SER B 120 -21.24 2.77 -24.24
C SER B 120 -21.12 3.35 -25.65
N THR B 121 -21.13 4.67 -25.78
CA THR B 121 -20.97 5.28 -27.10
C THR B 121 -19.53 5.20 -27.63
N CYS B 122 -18.59 4.89 -26.74
CA CYS B 122 -17.15 5.05 -27.02
C CYS B 122 -16.58 3.91 -27.84
N LYS B 123 -16.12 4.23 -29.03
CA LYS B 123 -15.59 3.20 -29.93
C LYS B 123 -14.09 3.37 -30.18
N GLU B 124 -13.49 4.42 -29.61
CA GLU B 124 -12.05 4.60 -29.64
C GLU B 124 -11.55 4.64 -28.20
N VAL B 125 -11.07 3.50 -27.73
CA VAL B 125 -10.68 3.28 -26.33
C VAL B 125 -9.16 3.36 -26.14
N GLY B 126 -8.72 4.38 -25.40
CA GLY B 126 -7.35 4.43 -24.92
C GLY B 126 -7.03 3.26 -23.99
N LEU B 127 -5.83 2.71 -24.15
CA LEU B 127 -5.36 1.59 -23.31
C LEU B 127 -4.06 1.93 -22.59
N LEU B 128 -4.02 1.74 -21.28
CA LEU B 128 -2.79 1.94 -20.51
C LEU B 128 -2.24 0.61 -20.07
N LEU B 129 -1.05 0.30 -20.58
CA LEU B 129 -0.38 -0.96 -20.29
C LEU B 129 0.91 -0.70 -19.53
N ALA B 130 1.34 -1.69 -18.75
CA ALA B 130 2.66 -1.61 -18.10
C ALA B 130 3.76 -1.95 -19.13
N ASN B 131 4.89 -2.49 -18.68
CA ASN B 131 5.96 -2.91 -19.62
C ASN B 131 5.55 -4.16 -20.38
N PRO B 132 5.77 -4.19 -21.71
CA PRO B 132 5.37 -5.33 -22.53
C PRO B 132 6.26 -6.56 -22.37
N ASN B 133 7.31 -6.45 -21.56
CA ASN B 133 8.11 -7.62 -21.20
C ASN B 133 7.45 -8.51 -20.16
N ILE B 134 6.31 -8.06 -19.64
CA ILE B 134 5.62 -8.76 -18.55
C ILE B 134 4.44 -9.55 -19.16
N SER B 135 4.28 -10.80 -18.76
CA SER B 135 3.24 -11.62 -19.36
C SER B 135 1.83 -11.04 -19.12
N THR B 136 1.62 -10.38 -17.99
CA THR B 136 0.28 -9.81 -17.72
C THR B 136 -0.07 -8.67 -18.68
N THR B 137 0.93 -7.89 -19.07
CA THR B 137 0.76 -6.87 -20.10
C THR B 137 0.33 -7.45 -21.45
N ILE B 138 0.98 -8.55 -21.85
CA ILE B 138 0.69 -9.19 -23.14
C ILE B 138 -0.71 -9.79 -23.08
N GLY B 139 -1.03 -10.43 -21.96
CA GLY B 139 -2.34 -10.99 -21.72
C GLY B 139 -3.42 -9.92 -21.84
N ARG B 140 -3.15 -8.75 -21.26
CA ARG B 140 -4.14 -7.70 -21.21
C ARG B 140 -4.29 -6.99 -22.55
N LYS B 141 -3.16 -6.81 -23.24
CA LYS B 141 -3.19 -6.34 -24.61
C LYS B 141 -4.04 -7.28 -25.51
N ASN B 142 -3.88 -8.59 -25.37
CA ASN B 142 -4.64 -9.54 -26.16
C ASN B 142 -6.14 -9.48 -25.86
N GLY B 143 -6.51 -9.17 -24.61
CA GLY B 143 -7.92 -9.05 -24.26
C GLY B 143 -8.57 -7.85 -24.90
N TYR B 144 -7.87 -6.73 -24.86
CA TYR B 144 -8.26 -5.50 -25.55
C TYR B 144 -8.48 -5.73 -27.06
N ASN B 145 -7.45 -6.25 -27.74
CA ASN B 145 -7.52 -6.58 -29.16
C ASN B 145 -8.75 -7.40 -29.52
N LYS B 146 -8.99 -8.46 -28.75
CA LYS B 146 -10.13 -9.37 -28.92
C LYS B 146 -11.51 -8.66 -28.83
N ALA B 147 -11.62 -7.70 -27.92
CA ALA B 147 -12.85 -6.97 -27.76
C ALA B 147 -13.04 -5.99 -28.92
N ILE B 148 -11.99 -5.25 -29.24
CA ILE B 148 -11.99 -4.34 -30.37
C ILE B 148 -12.47 -5.07 -31.65
N SER B 149 -11.93 -6.26 -31.86
CA SER B 149 -12.19 -7.05 -33.05
C SER B 149 -13.63 -7.56 -33.11
N GLU B 150 -14.18 -7.88 -31.94
CA GLU B 150 -15.53 -8.37 -31.81
C GLU B 150 -16.54 -7.28 -32.17
N PHE B 151 -16.09 -6.04 -32.08
CA PHE B 151 -16.90 -4.90 -32.44
C PHE B 151 -16.61 -4.41 -33.86
N ASP B 152 -15.93 -5.27 -34.63
CA ASP B 152 -15.41 -4.94 -35.97
C ASP B 152 -14.75 -3.57 -36.08
N LEU B 153 -13.96 -3.23 -35.07
CA LEU B 153 -13.16 -2.03 -35.11
C LEU B 153 -11.72 -2.41 -35.44
N ASN B 154 -10.94 -1.45 -35.94
CA ASN B 154 -9.52 -1.62 -36.29
C ASN B 154 -8.66 -1.29 -35.07
N VAL B 155 -7.56 -2.00 -34.82
CA VAL B 155 -6.72 -1.51 -33.71
C VAL B 155 -5.90 -0.32 -34.20
N ASN B 156 -5.81 0.67 -33.33
CA ASN B 156 -5.12 1.91 -33.55
C ASN B 156 -4.00 1.94 -32.49
N PRO B 157 -2.75 1.62 -32.92
CA PRO B 157 -1.60 1.56 -32.00
C PRO B 157 -1.32 2.88 -31.28
N SER B 158 -1.70 4.00 -31.90
CA SER B 158 -1.76 5.32 -31.28
C SER B 158 -2.41 5.36 -29.89
N LEU B 159 -3.37 4.48 -29.67
CA LEU B 159 -4.27 4.50 -28.50
C LEU B 159 -3.73 3.69 -27.34
N ILE B 160 -2.72 2.87 -27.65
CA ILE B 160 -2.13 1.97 -26.69
C ILE B 160 -0.85 2.62 -26.16
N HIS B 161 -0.76 2.76 -24.83
CA HIS B 161 0.43 3.31 -24.19
C HIS B 161 1.07 2.27 -23.25
N TYR B 162 2.40 2.31 -23.13
CA TYR B 162 3.14 1.40 -22.25
C TYR B 162 4.04 2.17 -21.30
N SER B 163 4.21 1.61 -20.10
CA SER B 163 5.14 2.08 -19.09
C SER B 163 6.48 1.39 -19.34
N ASP B 164 7.19 1.83 -20.38
CA ASP B 164 8.45 1.20 -20.78
C ASP B 164 9.65 2.15 -20.69
N GLN B 165 9.46 3.27 -20.02
CA GLN B 165 10.51 4.28 -19.92
C GLN B 165 11.33 4.11 -18.65
N GLN B 166 10.65 3.87 -17.55
CA GLN B 166 11.31 3.77 -16.25
C GLN B 166 10.80 2.60 -15.43
N LEU B 167 11.43 2.39 -14.28
CA LEU B 167 11.19 1.22 -13.47
C LEU B 167 10.57 1.58 -12.12
N GLY B 168 9.60 0.77 -11.68
CA GLY B 168 9.07 0.86 -10.32
C GLY B 168 7.65 1.40 -10.16
N THR B 169 7.30 1.70 -8.91
CA THR B 169 5.96 2.14 -8.54
C THR B 169 5.64 3.50 -9.14
N ASN B 170 6.37 4.53 -8.74
CA ASN B 170 6.14 5.87 -9.25
C ASN B 170 6.26 5.98 -10.77
N ALA B 171 7.16 5.17 -11.35
CA ALA B 171 7.32 5.12 -12.81
C ALA B 171 5.96 4.79 -13.48
N GLN B 172 5.32 3.74 -13.00
CA GLN B 172 4.03 3.33 -13.51
C GLN B 172 2.97 4.42 -13.39
N ILE B 173 2.88 5.07 -12.22
CA ILE B 173 1.91 6.15 -12.01
C ILE B 173 2.11 7.30 -12.99
N TYR B 174 3.37 7.68 -13.20
CA TYR B 174 3.66 8.78 -14.10
C TYR B 174 3.33 8.46 -15.56
N SER B 175 3.57 7.20 -15.94
CA SER B 175 3.23 6.67 -17.27
C SER B 175 1.72 6.77 -17.56
N GLY B 176 0.89 6.35 -16.59
CA GLY B 176 -0.56 6.49 -16.69
C GLY B 176 -1.01 7.94 -16.79
N TYR B 177 -0.48 8.77 -15.90
CA TYR B 177 -0.71 10.21 -15.94
C TYR B 177 -0.37 10.84 -17.31
N GLU B 178 0.88 10.71 -17.74
CA GLU B 178 1.28 11.35 -19.00
C GLU B 178 0.55 10.75 -20.23
N ALA B 179 0.37 9.44 -20.25
CA ALA B 179 -0.39 8.78 -21.31
C ALA B 179 -1.82 9.31 -21.41
N THR B 180 -2.49 9.42 -20.27
CA THR B 180 -3.88 9.89 -20.20
C THR B 180 -4.00 11.36 -20.59
N LYS B 181 -3.05 12.17 -20.12
CA LYS B 181 -2.95 13.58 -20.48
C LYS B 181 -2.87 13.77 -21.99
N THR B 182 -2.13 12.88 -22.67
CA THR B 182 -2.04 12.85 -24.13
C THR B 182 -3.38 12.42 -24.75
N LEU B 183 -3.91 11.29 -24.29
CA LEU B 183 -5.20 10.77 -24.74
C LEU B 183 -6.34 11.78 -24.60
N LEU B 184 -6.37 12.49 -23.48
CA LEU B 184 -7.43 13.47 -23.25
C LEU B 184 -7.29 14.60 -24.22
N SER B 185 -6.06 15.01 -24.48
CA SER B 185 -5.78 16.08 -25.44
C SER B 185 -6.20 15.78 -26.89
N LYS B 186 -6.31 14.49 -27.23
CA LYS B 186 -6.80 14.07 -28.54
C LYS B 186 -8.33 13.90 -28.57
N GLY B 187 -8.99 14.21 -27.46
CA GLY B 187 -10.42 13.98 -27.34
C GLY B 187 -10.84 12.52 -27.15
N ILE B 188 -9.96 11.70 -26.59
CA ILE B 188 -10.36 10.33 -26.23
C ILE B 188 -11.34 10.32 -25.04
N LYS B 189 -12.39 9.52 -25.18
CA LYS B 189 -13.54 9.51 -24.25
C LYS B 189 -13.66 8.25 -23.41
N GLY B 190 -12.85 7.23 -23.70
CA GLY B 190 -12.93 5.94 -23.00
C GLY B 190 -11.51 5.47 -22.69
N ILE B 191 -11.27 5.03 -21.45
CA ILE B 191 -9.92 4.60 -21.03
C ILE B 191 -9.95 3.32 -20.19
N VAL B 192 -9.16 2.32 -20.60
CA VAL B 192 -8.94 1.11 -19.79
C VAL B 192 -7.51 1.17 -19.19
N ALA B 193 -7.44 1.27 -17.86
CA ALA B 193 -6.15 1.33 -17.16
C ALA B 193 -5.94 -0.02 -16.52
N THR B 194 -4.87 -0.72 -16.93
CA THR B 194 -4.74 -2.15 -16.65
C THR B 194 -3.98 -2.56 -15.38
N ASN B 195 -3.62 -1.58 -14.55
CA ASN B 195 -3.27 -1.89 -13.17
C ASN B 195 -3.55 -0.70 -12.28
N HIS B 196 -3.54 -0.98 -10.97
CA HIS B 196 -3.88 0.03 -9.95
C HIS B 196 -3.11 1.33 -10.12
N LEU B 197 -1.80 1.21 -10.35
CA LEU B 197 -0.92 2.38 -10.47
C LEU B 197 -1.18 3.19 -11.75
N LEU B 198 -1.41 2.47 -12.86
CA LEU B 198 -1.74 3.14 -14.13
C LEU B 198 -3.07 3.88 -13.95
N LEU B 199 -4.02 3.19 -13.32
CA LEU B 199 -5.29 3.82 -12.90
C LEU B 199 -5.08 5.10 -12.08
N LEU B 200 -4.27 5.05 -11.02
CA LEU B 200 -3.99 6.28 -10.22
C LEU B 200 -3.42 7.40 -11.07
N GLY B 201 -2.55 7.06 -12.02
CA GLY B 201 -2.03 8.05 -12.95
C GLY B 201 -3.10 8.60 -13.86
N ALA B 202 -3.99 7.74 -14.37
CA ALA B 202 -5.10 8.21 -15.20
C ALA B 202 -5.93 9.24 -14.43
N LEU B 203 -6.30 8.88 -13.19
CA LEU B 203 -7.18 9.72 -12.36
C LEU B 203 -6.55 11.08 -12.05
N GLN B 204 -5.22 11.08 -11.82
CA GLN B 204 -4.44 12.33 -11.69
C GLN B 204 -4.54 13.21 -12.91
N ALA B 205 -4.46 12.63 -14.10
CA ALA B 205 -4.50 13.43 -15.33
C ALA B 205 -5.90 14.01 -15.57
N ILE B 206 -6.93 13.19 -15.30
CA ILE B 206 -8.32 13.60 -15.46
C ILE B 206 -8.66 14.72 -14.48
N LYS B 207 -8.28 14.52 -13.21
CA LYS B 207 -8.52 15.51 -12.15
C LYS B 207 -7.92 16.84 -12.55
N GLU B 208 -6.63 16.81 -12.91
CA GLU B 208 -5.86 17.99 -13.31
C GLU B 208 -6.50 18.73 -14.47
N SER B 209 -6.99 18.00 -15.48
CA SER B 209 -7.69 18.59 -16.61
C SER B 209 -9.05 19.11 -16.14
N GLU B 210 -9.74 19.83 -17.01
CA GLU B 210 -11.07 20.32 -16.64
C GLU B 210 -12.05 19.15 -16.56
N LYS B 211 -11.76 18.09 -17.32
CA LYS B 211 -12.76 17.10 -17.76
C LYS B 211 -13.45 16.28 -16.67
N GLU B 212 -14.69 15.90 -16.95
CA GLU B 212 -15.59 15.33 -15.96
C GLU B 212 -15.95 13.88 -16.30
N ILE B 213 -15.65 12.94 -15.39
CA ILE B 213 -15.96 11.53 -15.63
C ILE B 213 -17.48 11.35 -15.68
N LYS B 214 -17.93 10.45 -16.57
CA LYS B 214 -19.35 10.21 -16.89
C LYS B 214 -19.92 11.21 -17.89
N LYS B 215 -19.18 12.30 -18.12
CA LYS B 215 -19.57 13.34 -19.05
C LYS B 215 -18.59 13.40 -20.23
N ASP B 216 -17.37 13.86 -19.96
CA ASP B 216 -16.32 13.96 -20.98
C ASP B 216 -15.59 12.66 -21.26
N VAL B 217 -15.50 11.79 -20.26
CA VAL B 217 -14.69 10.57 -20.34
C VAL B 217 -15.25 9.50 -19.42
N ILE B 218 -15.10 8.24 -19.82
CA ILE B 218 -15.38 7.10 -18.97
C ILE B 218 -14.11 6.24 -18.78
N ILE B 219 -14.09 5.40 -17.75
CA ILE B 219 -12.87 4.71 -17.36
C ILE B 219 -13.17 3.44 -16.60
N VAL B 220 -12.46 2.39 -16.99
CA VAL B 220 -12.40 1.13 -16.25
C VAL B 220 -10.94 0.90 -15.80
N GLY B 221 -10.77 0.53 -14.52
CA GLY B 221 -9.46 0.22 -13.98
C GLY B 221 -9.32 -1.26 -13.67
N PHE B 222 -8.19 -1.62 -13.06
CA PHE B 222 -7.86 -2.97 -12.64
C PHE B 222 -7.37 -2.83 -11.21
N ASP B 223 -7.64 -3.84 -10.39
CA ASP B 223 -7.23 -3.88 -8.98
C ASP B 223 -8.19 -3.07 -8.13
N ASP B 224 -8.86 -3.73 -7.19
CA ASP B 224 -9.81 -3.03 -6.36
C ASP B 224 -9.13 -2.46 -5.13
N SER B 225 -9.77 -1.43 -4.57
CA SER B 225 -9.40 -0.79 -3.31
C SER B 225 -10.65 -0.21 -2.66
N TYR B 226 -10.63 -0.10 -1.32
CA TYR B 226 -11.74 0.55 -0.58
C TYR B 226 -11.98 1.97 -1.08
N TRP B 227 -10.91 2.60 -1.59
CA TRP B 227 -10.99 3.93 -2.17
C TRP B 227 -11.80 4.07 -3.47
N ASN B 228 -11.94 3.00 -4.25
CA ASN B 228 -12.80 2.99 -5.45
C ASN B 228 -14.27 3.21 -5.14
N GLU B 229 -14.74 2.68 -3.99
CA GLU B 229 -16.14 2.83 -3.57
C GLU B 229 -16.45 4.22 -3.03
N ILE B 230 -15.43 4.95 -2.60
CA ILE B 230 -15.67 6.29 -2.07
C ILE B 230 -15.18 7.39 -3.01
N TYR B 231 -14.53 7.00 -4.11
CA TYR B 231 -14.16 7.98 -5.14
C TYR B 231 -15.41 8.62 -5.77
N THR B 232 -15.27 9.85 -6.26
CA THR B 232 -16.30 10.51 -7.05
C THR B 232 -15.85 10.67 -8.51
N PRO B 233 -16.49 9.92 -9.44
CA PRO B 233 -17.54 8.96 -9.14
C PRO B 233 -16.90 7.64 -8.74
N LYS B 234 -17.71 6.69 -8.26
CA LYS B 234 -17.21 5.40 -7.88
C LYS B 234 -16.63 4.70 -9.09
N LEU B 235 -15.53 3.98 -8.84
CA LEU B 235 -14.71 3.43 -9.90
C LEU B 235 -15.03 1.98 -10.22
N THR B 236 -15.34 1.74 -11.48
CA THR B 236 -15.50 0.42 -12.03
C THR B 236 -14.11 -0.14 -12.31
N VAL B 237 -13.86 -1.35 -11.83
CA VAL B 237 -12.58 -2.02 -12.03
C VAL B 237 -12.74 -3.50 -12.26
N ILE B 238 -11.74 -4.08 -12.91
CA ILE B 238 -11.50 -5.51 -12.84
C ILE B 238 -10.90 -5.82 -11.46
N SER B 239 -11.53 -6.76 -10.79
CA SER B 239 -11.17 -7.16 -9.44
C SER B 239 -10.53 -8.52 -9.53
N GLN B 240 -9.38 -8.67 -8.87
CA GLN B 240 -8.67 -9.93 -8.90
C GLN B 240 -9.01 -10.77 -7.65
N PRO B 241 -9.04 -12.09 -7.79
CA PRO B 241 -9.44 -12.92 -6.64
C PRO B 241 -8.30 -13.11 -5.60
N VAL B 242 -7.94 -12.03 -4.90
CA VAL B 242 -6.75 -11.98 -4.03
C VAL B 242 -6.76 -12.96 -2.83
N LYS B 243 -7.91 -13.09 -2.14
CA LYS B 243 -8.04 -14.08 -1.06
C LYS B 243 -7.81 -15.49 -1.58
N GLU B 244 -8.59 -15.89 -2.59
CA GLU B 244 -8.42 -17.20 -3.20
C GLU B 244 -6.98 -17.42 -3.69
N MET B 245 -6.39 -16.44 -4.37
CA MET B 245 -5.02 -16.56 -4.85
C MET B 245 -4.03 -16.82 -3.71
N GLY B 246 -4.16 -16.03 -2.63
CA GLY B 246 -3.34 -16.21 -1.42
C GLY B 246 -3.52 -17.56 -0.76
N GLN B 247 -4.77 -18.05 -0.71
CA GLN B 247 -5.10 -19.35 -0.12
C GLN B 247 -4.46 -20.46 -0.93
N VAL B 248 -4.64 -20.41 -2.25
CA VAL B 248 -4.07 -21.39 -3.16
C VAL B 248 -2.55 -21.34 -3.18
N ALA B 249 -1.94 -20.15 -3.21
CA ALA B 249 -0.49 -20.03 -3.25
C ALA B 249 0.16 -20.64 -1.99
N ALA B 250 -0.40 -20.31 -0.83
CA ALA B 250 0.01 -20.90 0.45
C ALA B 250 -0.07 -22.43 0.42
N LYS B 251 -1.15 -22.97 -0.14
CA LYS B 251 -1.25 -24.41 -0.30
C LYS B 251 -0.27 -24.98 -1.35
N MET B 252 -0.09 -24.29 -2.46
CA MET B 252 0.89 -24.70 -3.48
C MET B 252 2.31 -24.70 -2.87
N ILE B 253 2.62 -23.65 -2.10
CA ILE B 253 3.96 -23.47 -1.57
C ILE B 253 4.25 -24.51 -0.48
N TYR B 254 3.23 -24.90 0.27
CA TYR B 254 3.41 -25.94 1.28
C TYR B 254 3.72 -27.30 0.67
N LYS B 255 2.99 -27.66 -0.37
CA LYS B 255 3.25 -28.89 -1.11
C LYS B 255 4.63 -28.88 -1.77
N LEU B 256 5.08 -27.74 -2.26
CA LEU B 256 6.44 -27.63 -2.80
C LEU B 256 7.50 -27.85 -1.71
N ILE B 257 7.25 -27.25 -0.55
CA ILE B 257 8.12 -27.43 0.63
C ILE B 257 8.17 -28.90 1.04
N LYS B 258 7.07 -29.62 0.86
CA LYS B 258 7.05 -31.07 1.14
C LYS B 258 7.53 -31.93 -0.03
N GLY B 259 7.81 -31.31 -1.18
CA GLY B 259 8.35 -32.03 -2.32
C GLY B 259 7.31 -32.73 -3.17
N LYS B 260 6.04 -32.35 -3.01
CA LYS B 260 4.96 -32.96 -3.78
C LYS B 260 4.84 -32.26 -5.13
N ASP B 261 4.33 -32.98 -6.13
CA ASP B 261 4.09 -32.39 -7.44
C ASP B 261 2.97 -31.35 -7.38
N VAL B 262 3.15 -30.26 -8.13
CA VAL B 262 2.21 -29.15 -8.12
C VAL B 262 1.98 -28.69 -9.54
N THR B 263 0.73 -28.50 -9.93
CA THR B 263 0.49 -27.88 -11.23
C THR B 263 0.01 -26.43 -11.09
N SER B 264 0.32 -25.65 -12.12
CA SER B 264 -0.02 -24.26 -12.19
C SER B 264 -1.53 -24.06 -12.14
N ILE B 265 -1.95 -22.97 -11.53
CA ILE B 265 -3.37 -22.63 -11.38
C ILE B 265 -3.62 -21.26 -12.01
N LYS B 266 -4.70 -21.17 -12.79
CA LYS B 266 -5.17 -19.91 -13.31
C LYS B 266 -6.56 -19.61 -12.76
N LEU B 267 -6.76 -18.38 -12.30
CA LEU B 267 -8.03 -17.98 -11.70
C LEU B 267 -8.74 -16.94 -12.55
N SER B 268 -9.93 -16.56 -12.13
CA SER B 268 -10.79 -15.68 -12.90
C SER B 268 -10.96 -14.36 -12.19
N THR B 269 -10.88 -13.27 -12.91
CA THR B 269 -11.21 -11.99 -12.35
C THR B 269 -12.72 -11.79 -12.53
N LYS B 270 -13.24 -10.69 -11.99
CA LYS B 270 -14.63 -10.30 -12.23
C LYS B 270 -14.62 -8.80 -12.30
N LEU B 271 -15.47 -8.26 -13.16
CA LEU B 271 -15.67 -6.82 -13.24
C LEU B 271 -16.65 -6.36 -12.15
N ILE B 272 -16.29 -5.28 -11.45
CA ILE B 272 -17.21 -4.66 -10.50
C ILE B 272 -17.68 -3.35 -11.10
N ILE B 273 -18.93 -3.35 -11.56
CA ILE B 273 -19.56 -2.22 -12.17
C ILE B 273 -20.00 -1.27 -11.08
N ARG B 274 -19.44 -0.06 -11.12
CA ARG B 274 -19.84 1.02 -10.25
C ARG B 274 -20.32 2.19 -11.14
N GLU B 275 -19.70 3.37 -11.04
CA GLU B 275 -20.19 4.56 -11.70
C GLU B 275 -19.35 5.10 -12.87
N SER B 276 -18.07 4.77 -12.95
CA SER B 276 -17.17 5.54 -13.81
C SER B 276 -17.12 5.08 -15.27
N CYS B 277 -17.81 3.98 -15.55
CA CYS B 277 -17.80 3.32 -16.85
C CYS B 277 -19.02 3.61 -17.74
N SER B 278 -19.93 4.49 -17.31
CA SER B 278 -21.08 4.89 -18.13
C SER B 278 -21.22 6.41 -18.19
N PHE B 279 -21.73 6.90 -19.33
CA PHE B 279 -22.04 8.32 -19.47
C PHE B 279 -23.37 8.68 -18.78
N ASN B 280 -23.42 9.90 -18.21
CA ASN B 280 -24.66 10.43 -17.60
C ASN B 280 -25.80 10.32 -18.60
CL CL C . 5.67 13.43 20.51
CL CL D . -3.61 -15.28 -20.01
#